data_9GFA
#
_entry.id   9GFA
#
_cell.length_a   82.384
_cell.length_b   112.568
_cell.length_c   62.459
_cell.angle_alpha   90.00
_cell.angle_beta   90.00
_cell.angle_gamma   90.00
#
_symmetry.space_group_name_H-M   'C 2 2 21'
#
loop_
_entity.id
_entity.type
_entity.pdbx_description
1 polymer '14-3-3 protein sigma'
2 polymer 'Microtubule-associated protein tau'
3 non-polymer 3-(3-bromanyl-4-methyl-phenyl)-2-pyridin-3-yl-1,2-dihydrobenzimidazole
4 water water
#
loop_
_entity_poly.entity_id
_entity_poly.type
_entity_poly.pdbx_seq_one_letter_code
_entity_poly.pdbx_strand_id
1 'polypeptide(L)'
;GAMGSMERASLIQKAKLAEQAERYEDMAAFMKGAVEKGEELS(CSO)EERNLLSVAYKNVVGGQRAAWRVLSSIEQKSNE
EGSEEKGPEVREYREKVETELQGVCDTVLGLLDSHLIKEAGDAESRVFYLKMKGDYYRYLAEVATGDDKKRIIDSARSAY
QEAMDISKKEMPPTNPIRLGLALNFSVFHYEIANSPEEAISLAKTTFDEAMADLHTLSEDSYKDSTLIMQLLRDNLTLWT
;
A
2 'polypeptide(L)' SRTP(SEP)LPTPPTRE P
#
loop_
_chem_comp.id
_chem_comp.type
_chem_comp.name
_chem_comp.formula
A1IKN non-polymer 3-(3-bromanyl-4-methyl-phenyl)-2-pyridin-3-yl-1,2-dihydrobenzimidazole 'C19 H14 Br N3'
#
# COMPACT_ATOMS: atom_id res chain seq x y z
N GLY A 1 21.55 -6.31 -8.98
CA GLY A 1 22.03 -5.17 -8.21
C GLY A 1 22.99 -5.63 -7.13
N ALA A 2 23.05 -4.86 -6.04
CA ALA A 2 23.97 -5.12 -4.94
C ALA A 2 23.70 -6.46 -4.25
N MET A 3 22.47 -7.00 -4.40
CA MET A 3 22.13 -8.28 -3.79
C MET A 3 22.28 -9.46 -4.74
N GLY A 4 22.82 -9.18 -5.94
CA GLY A 4 22.88 -10.19 -6.99
C GLY A 4 23.67 -11.45 -6.67
N SER A 5 24.64 -11.30 -5.75
CA SER A 5 25.46 -12.43 -5.38
C SER A 5 24.93 -13.24 -4.21
N MET A 6 23.82 -12.82 -3.58
CA MET A 6 23.32 -13.53 -2.42
C MET A 6 22.21 -14.48 -2.85
N GLU A 7 22.20 -15.69 -2.28
CA GLU A 7 21.11 -16.65 -2.51
C GLU A 7 19.74 -16.07 -2.18
N ARG A 8 18.75 -16.45 -2.99
CA ARG A 8 17.38 -16.07 -2.71
C ARG A 8 16.98 -16.43 -1.28
N ALA A 9 17.23 -17.67 -0.84
CA ALA A 9 16.78 -18.05 0.50
C ALA A 9 17.46 -17.24 1.59
N SER A 10 18.73 -16.89 1.37
CA SER A 10 19.48 -16.03 2.30
C SER A 10 18.90 -14.62 2.39
N LEU A 11 18.50 -14.07 1.24
CA LEU A 11 17.83 -12.77 1.22
C LEU A 11 16.54 -12.81 2.04
N ILE A 12 15.73 -13.84 1.88
CA ILE A 12 14.48 -13.91 2.63
C ILE A 12 14.73 -14.09 4.12
N GLN A 13 15.71 -14.95 4.44
CA GLN A 13 16.09 -15.11 5.85
C GLN A 13 16.56 -13.78 6.46
N LYS A 14 17.37 -13.02 5.73
CA LYS A 14 17.87 -11.74 6.21
C LYS A 14 16.78 -10.67 6.28
N ALA A 15 15.81 -10.72 5.37
CA ALA A 15 14.66 -9.82 5.48
C ALA A 15 13.92 -10.05 6.81
N LYS A 16 13.72 -11.33 7.19
CA LYS A 16 13.05 -11.64 8.43
C LYS A 16 13.86 -11.13 9.63
N LEU A 17 15.16 -11.32 9.60
CA LEU A 17 16.03 -10.79 10.66
C LEU A 17 15.95 -9.26 10.73
N ALA A 18 15.94 -8.59 9.57
CA ALA A 18 15.89 -7.13 9.53
C ALA A 18 14.57 -6.65 10.11
N GLU A 19 13.47 -7.35 9.82
CA GLU A 19 12.19 -7.03 10.43
C GLU A 19 12.32 -7.10 11.98
N GLN A 20 12.92 -8.17 12.49
CA GLN A 20 13.04 -8.31 13.95
C GLN A 20 13.89 -7.19 14.55
N ALA A 21 14.89 -6.73 13.79
CA ALA A 21 15.79 -5.67 14.22
C ALA A 21 15.25 -4.26 13.95
N GLU A 22 14.04 -4.19 13.39
CA GLU A 22 13.42 -2.95 12.94
C GLU A 22 14.29 -2.13 11.99
N ARG A 23 15.02 -2.87 11.13
CA ARG A 23 15.89 -2.31 10.11
C ARG A 23 15.19 -2.38 8.76
N TYR A 24 14.20 -1.49 8.58
CA TYR A 24 13.33 -1.63 7.41
C TYR A 24 13.94 -1.28 6.06
N GLU A 25 14.91 -0.35 6.04
CA GLU A 25 15.62 -0.07 4.80
C GLU A 25 16.40 -1.32 4.34
N ASP A 26 17.09 -2.00 5.27
CA ASP A 26 17.75 -3.25 4.95
C ASP A 26 16.72 -4.27 4.49
N MET A 27 15.60 -4.38 5.23
CA MET A 27 14.56 -5.35 4.88
C MET A 27 14.11 -5.15 3.43
N ALA A 28 13.88 -3.90 3.05
CA ALA A 28 13.42 -3.59 1.71
C ALA A 28 14.45 -3.94 0.65
N ALA A 29 15.73 -3.66 0.95
CA ALA A 29 16.79 -3.98 0.01
C ALA A 29 16.94 -5.49 -0.18
N PHE A 30 16.78 -6.25 0.91
CA PHE A 30 16.82 -7.70 0.84
C PHE A 30 15.65 -8.21 0.00
N MET A 31 14.43 -7.70 0.24
CA MET A 31 13.27 -8.14 -0.54
C MET A 31 13.33 -7.74 -2.03
N LYS A 32 13.85 -6.57 -2.33
CA LYS A 32 14.11 -6.16 -3.69
C LYS A 32 15.05 -7.18 -4.34
N GLY A 33 16.15 -7.52 -3.66
CA GLY A 33 17.03 -8.54 -4.18
C GLY A 33 16.34 -9.85 -4.46
N ALA A 34 15.45 -10.27 -3.54
CA ALA A 34 14.72 -11.52 -3.72
C ALA A 34 13.82 -11.45 -4.95
N VAL A 35 13.09 -10.35 -5.10
CA VAL A 35 12.24 -10.18 -6.27
C VAL A 35 13.04 -10.26 -7.56
N GLU A 36 14.22 -9.62 -7.55
CA GLU A 36 15.05 -9.55 -8.74
C GLU A 36 15.63 -10.91 -9.13
N LYS A 37 15.50 -11.93 -8.30
CA LYS A 37 15.88 -13.27 -8.71
C LYS A 37 14.98 -13.85 -9.80
N GLY A 38 13.79 -13.26 -9.96
CA GLY A 38 12.93 -13.57 -11.09
C GLY A 38 11.86 -14.62 -10.83
N GLU A 39 11.88 -15.26 -9.67
CA GLU A 39 10.87 -16.23 -9.30
C GLU A 39 9.67 -15.51 -8.70
N GLU A 40 8.51 -16.14 -8.83
CA GLU A 40 7.30 -15.67 -8.16
C GLU A 40 7.52 -15.71 -6.64
N LEU A 41 6.74 -14.89 -5.93
CA LEU A 41 6.82 -14.80 -4.49
C LEU A 41 5.67 -15.60 -3.90
N SER A 42 5.95 -16.26 -2.79
CA SER A 42 4.90 -16.88 -1.99
C SER A 42 4.07 -15.87 -1.23
N CSO A 43 3.00 -16.31 -0.55
CA CSO A 43 2.19 -15.44 0.28
CB CSO A 43 1.10 -16.26 0.91
SG CSO A 43 -0.06 -15.25 1.88
C CSO A 43 3.05 -14.73 1.34
O CSO A 43 2.97 -13.51 1.52
OD CSO A 43 0.56 -15.26 3.45
N GLU A 44 3.85 -15.50 2.07
CA GLU A 44 4.67 -14.99 3.15
C GLU A 44 5.67 -13.98 2.60
N GLU A 45 6.27 -14.32 1.46
CA GLU A 45 7.23 -13.42 0.83
C GLU A 45 6.59 -12.10 0.38
N ARG A 46 5.39 -12.18 -0.21
CA ARG A 46 4.69 -10.98 -0.62
C ARG A 46 4.46 -10.09 0.59
N ASN A 47 4.10 -10.69 1.72
CA ASN A 47 3.87 -9.88 2.90
C ASN A 47 5.16 -9.27 3.43
N LEU A 48 6.31 -9.96 3.33
CA LEU A 48 7.57 -9.37 3.73
C LEU A 48 7.88 -8.13 2.86
N LEU A 49 7.66 -8.24 1.56
CA LEU A 49 7.90 -7.14 0.64
C LEU A 49 7.06 -5.93 1.03
N SER A 50 5.79 -6.22 1.31
CA SER A 50 4.86 -5.17 1.68
C SER A 50 5.23 -4.47 2.99
N VAL A 51 5.51 -5.25 4.03
CA VAL A 51 5.94 -4.67 5.30
C VAL A 51 7.18 -3.78 5.18
N ALA A 52 8.16 -4.25 4.42
CA ALA A 52 9.42 -3.53 4.31
C ALA A 52 9.19 -2.15 3.70
N TYR A 53 8.57 -2.12 2.52
CA TYR A 53 8.39 -0.86 1.83
C TYR A 53 7.35 0.02 2.50
N LYS A 54 6.34 -0.54 3.16
CA LYS A 54 5.36 0.29 3.84
C LYS A 54 6.03 1.04 4.98
N ASN A 55 6.90 0.38 5.75
CA ASN A 55 7.66 1.05 6.77
C ASN A 55 8.61 2.10 6.22
N VAL A 56 9.36 1.80 5.14
CA VAL A 56 10.24 2.81 4.54
C VAL A 56 9.48 4.06 4.09
N VAL A 57 8.44 3.84 3.28
CA VAL A 57 7.74 4.97 2.71
C VAL A 57 6.92 5.65 3.79
N GLY A 58 6.48 4.89 4.82
CA GLY A 58 5.72 5.47 5.91
C GLY A 58 6.52 6.55 6.67
N GLY A 59 7.79 6.25 6.93
CA GLY A 59 8.69 7.22 7.54
C GLY A 59 8.87 8.46 6.67
N GLN A 60 9.05 8.22 5.37
CA GLN A 60 9.28 9.31 4.44
C GLN A 60 8.04 10.20 4.38
N ARG A 61 6.85 9.58 4.33
CA ARG A 61 5.61 10.35 4.25
C ARG A 61 5.40 11.18 5.51
N ALA A 62 5.72 10.62 6.67
CA ALA A 62 5.56 11.32 7.93
C ALA A 62 6.49 12.53 7.93
N ALA A 63 7.73 12.34 7.47
CA ALA A 63 8.67 13.45 7.41
C ALA A 63 8.23 14.53 6.44
N TRP A 64 7.74 14.12 5.26
CA TRP A 64 7.24 15.05 4.26
C TRP A 64 6.11 15.90 4.83
N ARG A 65 5.19 15.28 5.55
CA ARG A 65 4.07 16.01 6.10
C ARG A 65 4.52 17.04 7.14
N VAL A 66 5.50 16.69 7.98
CA VAL A 66 6.03 17.62 8.95
C VAL A 66 6.62 18.83 8.22
N LEU A 67 7.46 18.56 7.21
CA LEU A 67 8.14 19.62 6.48
C LEU A 67 7.17 20.47 5.67
N SER A 68 6.18 19.83 5.03
CA SER A 68 5.20 20.55 4.24
C SER A 68 4.44 21.51 5.14
N SER A 69 4.11 21.05 6.35
CA SER A 69 3.38 21.88 7.29
C SER A 69 4.18 23.11 7.67
N ILE A 70 5.47 22.90 7.94
CA ILE A 70 6.35 24.03 8.25
C ILE A 70 6.45 25.01 7.08
N GLU A 71 6.57 24.48 5.86
CA GLU A 71 6.75 25.26 4.65
C GLU A 71 5.51 26.12 4.44
N GLN A 72 4.34 25.54 4.70
CA GLN A 72 3.11 26.26 4.45
C GLN A 72 2.93 27.39 5.48
N LYS A 73 3.29 27.13 6.73
CA LYS A 73 3.30 28.17 7.75
C LYS A 73 4.28 29.30 7.45
N SER A 74 5.40 28.98 6.80
CA SER A 74 6.36 29.99 6.39
C SER A 74 5.84 30.86 5.25
N ASN A 75 4.79 30.44 4.54
CA ASN A 75 4.23 31.22 3.44
C ASN A 75 2.88 31.89 3.70
N LYS A 82 12.28 34.58 5.46
CA LYS A 82 12.61 33.16 5.38
C LYS A 82 13.34 32.81 4.07
N GLY A 83 14.44 32.02 4.18
CA GLY A 83 15.23 31.57 3.04
C GLY A 83 14.76 30.25 2.43
N PRO A 84 15.57 29.65 1.52
CA PRO A 84 15.10 28.52 0.73
C PRO A 84 15.18 27.16 1.41
N GLU A 85 15.67 27.11 2.65
CA GLU A 85 16.03 25.83 3.26
C GLU A 85 14.87 24.85 3.50
N VAL A 86 13.74 25.34 3.99
CA VAL A 86 12.58 24.50 4.28
C VAL A 86 12.11 23.85 2.98
N ARG A 87 11.93 24.68 1.94
CA ARG A 87 11.55 24.16 0.63
C ARG A 87 12.57 23.17 0.08
N GLU A 88 13.88 23.47 0.19
CA GLU A 88 14.91 22.61 -0.33
C GLU A 88 14.83 21.24 0.36
N TYR A 89 14.69 21.25 1.68
CA TYR A 89 14.74 20.00 2.42
C TYR A 89 13.45 19.18 2.18
N ARG A 90 12.30 19.87 2.11
CA ARG A 90 11.05 19.21 1.75
C ARG A 90 11.20 18.56 0.38
N GLU A 91 11.81 19.27 -0.57
CA GLU A 91 12.06 18.72 -1.88
C GLU A 91 12.97 17.49 -1.84
N LYS A 92 14.00 17.53 -0.99
CA LYS A 92 14.91 16.40 -0.87
C LYS A 92 14.17 15.15 -0.38
N VAL A 93 13.41 15.30 0.69
CA VAL A 93 12.61 14.19 1.20
C VAL A 93 11.61 13.73 0.16
N GLU A 94 10.93 14.67 -0.52
CA GLU A 94 10.01 14.33 -1.59
C GLU A 94 10.62 13.48 -2.70
N THR A 95 11.81 13.90 -3.18
CA THR A 95 12.49 13.15 -4.22
C THR A 95 12.85 11.75 -3.76
N GLU A 96 13.30 11.59 -2.50
CA GLU A 96 13.67 10.29 -1.96
C GLU A 96 12.42 9.40 -1.88
N LEU A 97 11.30 9.99 -1.45
CA LEU A 97 10.02 9.27 -1.40
C LEU A 97 9.59 8.80 -2.80
N GLN A 98 9.68 9.71 -3.78
CA GLN A 98 9.32 9.38 -5.14
C GLN A 98 10.20 8.25 -5.65
N GLY A 99 11.48 8.28 -5.29
CA GLY A 99 12.35 7.22 -5.75
C GLY A 99 11.99 5.84 -5.19
N VAL A 100 11.58 5.79 -3.92
CA VAL A 100 11.15 4.53 -3.31
C VAL A 100 9.86 4.06 -4.01
N CYS A 101 8.90 4.96 -4.22
CA CYS A 101 7.68 4.59 -4.91
C CYS A 101 7.99 4.04 -6.30
N ASP A 102 8.89 4.73 -7.05
CA ASP A 102 9.29 4.29 -8.37
C ASP A 102 9.95 2.91 -8.35
N THR A 103 10.75 2.64 -7.31
CA THR A 103 11.37 1.32 -7.17
C THR A 103 10.31 0.23 -7.00
N VAL A 104 9.34 0.46 -6.10
CA VAL A 104 8.29 -0.55 -5.87
C VAL A 104 7.48 -0.75 -7.14
N LEU A 105 7.08 0.37 -7.78
CA LEU A 105 6.29 0.30 -9.01
C LEU A 105 7.06 -0.45 -10.08
N GLY A 106 8.38 -0.23 -10.09
CA GLY A 106 9.26 -0.94 -11.00
C GLY A 106 9.27 -2.46 -10.80
N LEU A 107 9.31 -2.90 -9.54
CA LEU A 107 9.28 -4.33 -9.24
C LEU A 107 7.94 -4.91 -9.67
N LEU A 108 6.84 -4.19 -9.44
CA LEU A 108 5.54 -4.72 -9.82
C LEU A 108 5.41 -4.83 -11.33
N ASP A 109 5.98 -3.88 -12.05
CA ASP A 109 5.93 -3.89 -13.50
C ASP A 109 6.97 -4.79 -14.16
N SER A 110 8.01 -5.17 -13.41
CA SER A 110 9.15 -5.94 -13.93
C SER A 110 9.55 -7.01 -12.92
N HIS A 111 8.78 -8.10 -12.74
CA HIS A 111 7.66 -8.51 -13.58
C HIS A 111 6.61 -9.19 -12.71
N LEU A 112 6.40 -8.68 -11.47
CA LEU A 112 5.53 -9.37 -10.54
C LEU A 112 4.07 -9.49 -11.01
N ILE A 113 3.49 -8.42 -11.54
CA ILE A 113 2.09 -8.42 -11.89
C ILE A 113 1.85 -9.34 -13.08
N LYS A 114 2.69 -9.25 -14.12
CA LYS A 114 2.44 -10.03 -15.31
C LYS A 114 2.54 -11.53 -15.06
N GLU A 115 3.30 -11.99 -14.04
CA GLU A 115 3.38 -13.41 -13.77
C GLU A 115 2.36 -13.87 -12.75
N ALA A 116 1.57 -12.94 -12.20
CA ALA A 116 0.65 -13.27 -11.12
C ALA A 116 -0.72 -13.65 -11.70
N GLY A 117 -1.00 -14.93 -11.64
CA GLY A 117 -2.22 -15.52 -12.21
C GLY A 117 -3.33 -15.85 -11.20
N ASP A 118 -2.94 -16.22 -9.99
CA ASP A 118 -3.91 -16.51 -8.97
C ASP A 118 -4.49 -15.21 -8.41
N ALA A 119 -5.76 -15.23 -8.06
CA ALA A 119 -6.39 -14.03 -7.55
C ALA A 119 -5.66 -13.45 -6.35
N GLU A 120 -5.22 -14.27 -5.37
CA GLU A 120 -4.59 -13.76 -4.15
C GLU A 120 -3.34 -12.96 -4.50
N SER A 121 -2.52 -13.47 -5.43
CA SER A 121 -1.30 -12.75 -5.78
C SER A 121 -1.60 -11.50 -6.61
N ARG A 122 -2.44 -11.67 -7.64
CA ARG A 122 -2.67 -10.56 -8.55
C ARG A 122 -3.37 -9.38 -7.86
N VAL A 123 -4.39 -9.67 -7.02
CA VAL A 123 -5.04 -8.63 -6.24
C VAL A 123 -4.05 -7.95 -5.31
N PHE A 124 -3.21 -8.73 -4.61
CA PHE A 124 -2.23 -8.18 -3.70
C PHE A 124 -1.34 -7.17 -4.43
N TYR A 125 -0.80 -7.56 -5.59
CA TYR A 125 0.11 -6.66 -6.30
C TYR A 125 -0.57 -5.46 -6.90
N LEU A 126 -1.82 -5.62 -7.38
CA LEU A 126 -2.51 -4.46 -7.92
C LEU A 126 -2.90 -3.50 -6.80
N LYS A 127 -3.26 -4.02 -5.64
CA LYS A 127 -3.46 -3.16 -4.48
C LYS A 127 -2.19 -2.35 -4.14
N MET A 128 -1.04 -3.01 -4.15
CA MET A 128 0.23 -2.34 -3.90
C MET A 128 0.45 -1.25 -4.95
N LYS A 129 0.17 -1.55 -6.22
CA LYS A 129 0.33 -0.59 -7.30
C LYS A 129 -0.55 0.64 -7.03
N GLY A 130 -1.80 0.42 -6.63
CA GLY A 130 -2.66 1.53 -6.27
C GLY A 130 -2.10 2.37 -5.11
N ASP A 131 -1.62 1.70 -4.07
CA ASP A 131 -1.08 2.36 -2.89
C ASP A 131 0.11 3.25 -3.25
N TYR A 132 1.04 2.74 -4.07
CA TYR A 132 2.26 3.51 -4.35
C TYR A 132 1.97 4.65 -5.33
N TYR A 133 1.06 4.47 -6.28
CA TYR A 133 0.61 5.65 -7.02
C TYR A 133 -0.12 6.65 -6.12
N ARG A 134 -0.88 6.18 -5.12
CA ARG A 134 -1.53 7.04 -4.16
C ARG A 134 -0.48 7.87 -3.39
N TYR A 135 0.61 7.24 -2.95
CA TYR A 135 1.66 8.00 -2.30
C TYR A 135 2.29 9.05 -3.22
N LEU A 136 2.53 8.68 -4.46
CA LEU A 136 2.98 9.67 -5.46
C LEU A 136 1.97 10.81 -5.60
N ALA A 137 0.67 10.48 -5.60
CA ALA A 137 -0.35 11.52 -5.70
C ALA A 137 -0.34 12.52 -4.55
N GLU A 138 -0.04 12.06 -3.33
CA GLU A 138 -0.04 12.87 -2.13
C GLU A 138 0.93 14.05 -2.29
N VAL A 139 2.00 13.87 -3.06
CA VAL A 139 3.01 14.91 -3.22
C VAL A 139 3.03 15.55 -4.61
N ALA A 140 2.14 15.14 -5.51
CA ALA A 140 2.15 15.62 -6.88
C ALA A 140 1.44 16.96 -6.99
N THR A 141 2.01 17.82 -7.83
CA THR A 141 1.45 19.12 -8.18
C THR A 141 1.48 19.48 -9.67
N GLY A 142 2.45 18.96 -10.43
CA GLY A 142 2.67 19.30 -11.83
C GLY A 142 1.66 18.75 -12.86
N ASP A 143 2.15 18.65 -14.11
CA ASP A 143 1.34 18.29 -15.27
C ASP A 143 0.81 16.85 -15.23
N ASP A 144 1.48 15.99 -14.47
CA ASP A 144 1.16 14.56 -14.43
C ASP A 144 0.30 14.15 -13.24
N LYS A 145 -0.10 15.11 -12.41
CA LYS A 145 -0.88 14.76 -11.23
C LYS A 145 -2.17 14.01 -11.54
N LYS A 146 -2.91 14.48 -12.55
CA LYS A 146 -4.16 13.78 -12.87
C LYS A 146 -3.85 12.39 -13.36
N ARG A 147 -2.77 12.20 -14.13
CA ARG A 147 -2.45 10.89 -14.66
C ARG A 147 -2.04 10.01 -13.48
N ILE A 148 -1.30 10.57 -12.52
CA ILE A 148 -0.90 9.77 -11.35
C ILE A 148 -2.13 9.25 -10.58
N ILE A 149 -3.08 10.16 -10.31
CA ILE A 149 -4.32 9.76 -9.66
C ILE A 149 -5.07 8.71 -10.46
N ASP A 150 -5.12 8.89 -11.79
CA ASP A 150 -5.81 7.90 -12.59
C ASP A 150 -5.12 6.53 -12.61
N SER A 151 -3.77 6.55 -12.53
CA SER A 151 -3.05 5.30 -12.43
C SER A 151 -3.38 4.57 -11.12
N ALA A 152 -3.47 5.31 -10.01
CA ALA A 152 -3.86 4.66 -8.76
C ALA A 152 -5.26 4.06 -8.91
N ARG A 153 -6.18 4.88 -9.41
CA ARG A 153 -7.57 4.49 -9.55
C ARG A 153 -7.70 3.22 -10.40
N SER A 154 -7.02 3.19 -11.54
CA SER A 154 -7.06 2.07 -12.45
C SER A 154 -6.54 0.77 -11.83
N ALA A 155 -5.48 0.88 -11.05
CA ALA A 155 -4.94 -0.29 -10.40
C ALA A 155 -5.89 -0.85 -9.33
N TYR A 156 -6.38 0.06 -8.48
CA TYR A 156 -7.37 -0.32 -7.46
C TYR A 156 -8.61 -0.93 -8.09
N GLN A 157 -9.09 -0.37 -9.21
CA GLN A 157 -10.32 -0.85 -9.85
C GLN A 157 -10.12 -2.24 -10.41
N GLU A 158 -8.96 -2.50 -11.06
CA GLU A 158 -8.70 -3.85 -11.53
C GLU A 158 -8.67 -4.86 -10.38
N ALA A 159 -7.99 -4.46 -9.30
CA ALA A 159 -7.92 -5.30 -8.11
C ALA A 159 -9.33 -5.58 -7.57
N MET A 160 -10.18 -4.54 -7.53
CA MET A 160 -11.53 -4.70 -6.97
C MET A 160 -12.33 -5.66 -7.86
N ASP A 161 -12.23 -5.48 -9.19
CA ASP A 161 -12.99 -6.32 -10.10
C ASP A 161 -12.61 -7.80 -9.92
N ILE A 162 -11.30 -8.11 -9.79
CA ILE A 162 -10.91 -9.49 -9.56
C ILE A 162 -11.38 -9.99 -8.21
N SER A 163 -11.20 -9.18 -7.16
CA SER A 163 -11.54 -9.61 -5.81
C SER A 163 -13.02 -9.94 -5.68
N LYS A 164 -13.87 -9.13 -6.31
CA LYS A 164 -15.30 -9.37 -6.26
C LYS A 164 -15.68 -10.68 -6.95
N LYS A 165 -14.98 -11.03 -8.04
CA LYS A 165 -15.25 -12.25 -8.79
C LYS A 165 -14.69 -13.50 -8.10
N GLU A 166 -13.51 -13.36 -7.48
CA GLU A 166 -12.71 -14.52 -7.09
C GLU A 166 -12.54 -14.80 -5.61
N MET A 167 -12.90 -13.87 -4.74
CA MET A 167 -12.61 -13.98 -3.33
C MET A 167 -13.88 -13.75 -2.54
N PRO A 168 -14.04 -14.42 -1.38
CA PRO A 168 -15.18 -14.14 -0.52
C PRO A 168 -15.11 -12.75 0.07
N PRO A 169 -16.24 -12.19 0.52
CA PRO A 169 -16.24 -10.83 1.03
C PRO A 169 -15.45 -10.63 2.31
N THR A 170 -15.13 -11.75 3.01
CA THR A 170 -14.33 -11.67 4.22
C THR A 170 -12.82 -11.81 4.01
N ASN A 171 -12.39 -12.07 2.77
CA ASN A 171 -10.97 -12.31 2.52
C ASN A 171 -10.17 -11.08 2.97
N PRO A 172 -9.11 -11.23 3.81
CA PRO A 172 -8.39 -10.06 4.28
C PRO A 172 -7.82 -9.18 3.18
N ILE A 173 -7.35 -9.77 2.09
CA ILE A 173 -6.84 -8.98 0.99
C ILE A 173 -7.96 -8.14 0.39
N ARG A 174 -9.10 -8.77 0.12
CA ARG A 174 -10.27 -8.05 -0.37
C ARG A 174 -10.66 -6.91 0.57
N LEU A 175 -10.65 -7.16 1.88
CA LEU A 175 -10.98 -6.14 2.85
C LEU A 175 -9.98 -4.98 2.90
N GLY A 176 -8.69 -5.32 2.91
CA GLY A 176 -7.63 -4.31 2.95
C GLY A 176 -7.59 -3.46 1.69
N LEU A 177 -7.89 -4.09 0.57
CA LEU A 177 -7.98 -3.37 -0.70
C LEU A 177 -9.13 -2.37 -0.62
N ALA A 178 -10.28 -2.81 -0.11
CA ALA A 178 -11.41 -1.90 -0.03
C ALA A 178 -11.14 -0.73 0.92
N LEU A 179 -10.54 -1.03 2.07
CA LEU A 179 -10.10 0.01 3.02
C LEU A 179 -9.22 1.07 2.34
N ASN A 180 -8.19 0.63 1.62
CA ASN A 180 -7.26 1.57 1.02
C ASN A 180 -7.84 2.29 -0.19
N PHE A 181 -8.70 1.61 -0.99
CA PHE A 181 -9.36 2.30 -2.08
C PHE A 181 -10.34 3.34 -1.54
N SER A 182 -10.98 3.03 -0.42
CA SER A 182 -11.89 4.02 0.18
C SER A 182 -11.12 5.23 0.67
N VAL A 183 -9.93 5.02 1.26
CA VAL A 183 -9.02 6.12 1.61
C VAL A 183 -8.63 6.94 0.38
N PHE A 184 -8.29 6.27 -0.73
CA PHE A 184 -8.00 6.93 -2.00
C PHE A 184 -9.16 7.88 -2.34
N HIS A 185 -10.39 7.37 -2.30
CA HIS A 185 -11.52 8.21 -2.68
C HIS A 185 -11.65 9.42 -1.76
N TYR A 186 -11.46 9.23 -0.45
CA TYR A 186 -11.69 10.30 0.51
C TYR A 186 -10.55 11.32 0.44
N GLU A 187 -9.31 10.85 0.38
CA GLU A 187 -8.17 11.74 0.59
C GLU A 187 -7.57 12.30 -0.70
N ILE A 188 -7.68 11.55 -1.80
CA ILE A 188 -7.03 11.87 -3.05
C ILE A 188 -8.01 12.34 -4.13
N ALA A 189 -9.13 11.59 -4.30
CA ALA A 189 -10.07 11.84 -5.40
C ALA A 189 -11.18 12.82 -5.06
N ASN A 190 -11.18 13.37 -3.85
CA ASN A 190 -12.20 14.33 -3.44
C ASN A 190 -13.61 13.73 -3.62
N SER A 191 -13.74 12.45 -3.26
CA SER A 191 -14.98 11.69 -3.44
C SER A 191 -15.40 11.07 -2.12
N PRO A 192 -15.73 11.86 -1.08
CA PRO A 192 -16.09 11.32 0.23
C PRO A 192 -17.30 10.40 0.20
N GLU A 193 -18.29 10.72 -0.64
CA GLU A 193 -19.45 9.87 -0.69
C GLU A 193 -19.11 8.47 -1.20
N GLU A 194 -18.22 8.40 -2.22
CA GLU A 194 -17.78 7.12 -2.76
C GLU A 194 -17.02 6.34 -1.71
N ALA A 195 -16.17 7.04 -0.97
CA ALA A 195 -15.42 6.44 0.13
C ALA A 195 -16.31 5.79 1.16
N ILE A 196 -17.30 6.56 1.63
CA ILE A 196 -18.27 6.09 2.61
C ILE A 196 -19.10 4.90 2.09
N SER A 197 -19.57 4.97 0.85
CA SER A 197 -20.34 3.89 0.25
C SER A 197 -19.53 2.62 0.19
N LEU A 198 -18.28 2.78 -0.29
CA LEU A 198 -17.46 1.58 -0.43
C LEU A 198 -17.18 0.95 0.93
N ALA A 199 -16.84 1.77 1.92
CA ALA A 199 -16.55 1.22 3.24
C ALA A 199 -17.76 0.51 3.84
N LYS A 200 -18.95 1.11 3.67
N LYS A 200 -18.93 1.16 3.71
CA LYS A 200 -20.14 0.56 4.30
CA LYS A 200 -20.19 0.64 4.24
C LYS A 200 -20.61 -0.73 3.60
C LYS A 200 -20.55 -0.71 3.60
N THR A 201 -20.58 -0.74 2.27
CA THR A 201 -20.96 -1.94 1.52
C THR A 201 -19.97 -3.07 1.82
N THR A 202 -18.67 -2.74 1.88
CA THR A 202 -17.67 -3.76 2.20
C THR A 202 -17.91 -4.36 3.59
N PHE A 203 -18.16 -3.48 4.57
CA PHE A 203 -18.39 -3.89 5.96
C PHE A 203 -19.59 -4.83 6.01
N ASP A 204 -20.68 -4.41 5.40
CA ASP A 204 -21.94 -5.15 5.48
C ASP A 204 -21.87 -6.51 4.81
N GLU A 205 -21.19 -6.59 3.67
CA GLU A 205 -21.08 -7.84 2.95
C GLU A 205 -20.16 -8.79 3.71
N ALA A 206 -19.14 -8.25 4.36
CA ALA A 206 -18.29 -9.08 5.17
C ALA A 206 -19.05 -9.63 6.39
N MET A 207 -19.77 -8.77 7.11
CA MET A 207 -20.54 -9.19 8.28
C MET A 207 -21.40 -10.40 7.95
N ALA A 208 -22.06 -10.37 6.80
CA ALA A 208 -22.95 -11.44 6.40
C ALA A 208 -22.26 -12.75 6.04
N ASP A 209 -20.93 -12.73 5.88
CA ASP A 209 -20.18 -13.93 5.54
C ASP A 209 -19.33 -14.47 6.70
N LEU A 210 -19.33 -13.78 7.85
CA LEU A 210 -18.52 -14.17 8.98
C LEU A 210 -18.88 -15.56 9.49
N HIS A 211 -20.14 -15.97 9.30
CA HIS A 211 -20.63 -17.25 9.81
C HIS A 211 -19.91 -18.46 9.21
N THR A 212 -19.24 -18.26 8.07
CA THR A 212 -18.56 -19.31 7.34
C THR A 212 -17.15 -19.59 7.85
N LEU A 213 -16.65 -18.69 8.71
CA LEU A 213 -15.25 -18.65 9.07
C LEU A 213 -14.91 -19.46 10.32
N SER A 214 -13.70 -20.01 10.30
CA SER A 214 -13.08 -20.46 11.53
C SER A 214 -12.78 -19.32 12.50
N GLU A 215 -12.46 -19.67 13.76
CA GLU A 215 -12.11 -18.69 14.77
C GLU A 215 -10.89 -17.84 14.36
N ASP A 216 -9.87 -18.46 13.76
CA ASP A 216 -8.70 -17.71 13.35
C ASP A 216 -8.98 -16.74 12.18
N SER A 217 -9.74 -17.22 11.19
CA SER A 217 -10.13 -16.39 10.06
C SER A 217 -11.05 -15.25 10.51
N TYR A 218 -11.96 -15.58 11.43
CA TYR A 218 -12.84 -14.59 12.00
C TYR A 218 -12.08 -13.45 12.64
N LYS A 219 -11.02 -13.78 13.40
CA LYS A 219 -10.22 -12.75 14.04
C LYS A 219 -9.57 -11.84 12.99
N ASP A 220 -8.99 -12.41 11.94
CA ASP A 220 -8.40 -11.60 10.87
C ASP A 220 -9.39 -10.66 10.18
N SER A 221 -10.54 -11.22 9.79
CA SER A 221 -11.54 -10.43 9.06
C SER A 221 -12.12 -9.33 9.94
N THR A 222 -12.49 -9.67 11.18
CA THR A 222 -13.08 -8.67 12.03
C THR A 222 -12.11 -7.54 12.38
N LEU A 223 -10.82 -7.84 12.46
CA LEU A 223 -9.85 -6.76 12.68
C LEU A 223 -9.97 -5.70 11.59
N ILE A 224 -9.96 -6.14 10.34
CA ILE A 224 -9.98 -5.18 9.23
C ILE A 224 -11.34 -4.51 9.17
N MET A 225 -12.41 -5.25 9.45
CA MET A 225 -13.72 -4.64 9.49
C MET A 225 -13.78 -3.47 10.49
N GLN A 226 -13.15 -3.66 11.67
CA GLN A 226 -13.11 -2.59 12.65
C GLN A 226 -12.38 -1.36 12.13
N LEU A 227 -11.32 -1.53 11.32
CA LEU A 227 -10.69 -0.39 10.70
C LEU A 227 -11.61 0.32 9.71
N LEU A 228 -12.40 -0.42 8.90
CA LEU A 228 -13.42 0.18 8.09
C LEU A 228 -14.39 0.99 8.94
N ARG A 229 -14.91 0.38 10.02
CA ARG A 229 -15.85 1.07 10.90
C ARG A 229 -15.25 2.34 11.51
N ASP A 230 -13.99 2.27 11.92
CA ASP A 230 -13.31 3.42 12.49
C ASP A 230 -13.30 4.58 11.48
N ASN A 231 -13.05 4.28 10.19
CA ASN A 231 -13.03 5.32 9.17
C ASN A 231 -14.43 5.90 8.97
N LEU A 232 -15.45 5.04 8.89
CA LEU A 232 -16.82 5.50 8.77
C LEU A 232 -17.21 6.40 9.92
N THR A 233 -16.79 6.05 11.15
CA THR A 233 -17.04 6.91 12.31
C THR A 233 -16.39 8.28 12.20
N LEU A 234 -15.18 8.32 11.65
CA LEU A 234 -14.44 9.56 11.45
C LEU A 234 -15.06 10.40 10.34
N TRP A 235 -15.69 9.76 9.33
CA TRP A 235 -16.11 10.45 8.13
C TRP A 235 -17.57 10.87 8.20
N THR A 236 -18.27 10.39 9.22
CA THR A 236 -19.70 10.64 9.38
C THR A 236 -19.99 11.16 10.80
N ARG B 2 -5.24 13.29 8.02
CA ARG B 2 -5.37 12.24 7.02
C ARG B 2 -6.00 11.00 7.64
N THR B 3 -6.83 10.29 6.87
CA THR B 3 -7.51 9.09 7.36
C THR B 3 -6.57 7.89 7.39
N PRO B 4 -6.72 6.96 8.37
CA PRO B 4 -5.91 5.75 8.37
C PRO B 4 -6.22 4.72 7.27
N SEP B 5 -5.14 4.32 6.57
CA SEP B 5 -5.14 3.19 5.66
CB SEP B 5 -4.18 3.45 4.50
OG SEP B 5 -2.90 3.66 5.11
C SEP B 5 -4.73 1.93 6.42
O SEP B 5 -4.62 1.98 7.66
P SEP B 5 -1.75 4.29 4.14
O1P SEP B 5 -1.57 3.32 3.02
O2P SEP B 5 -0.56 4.28 5.15
O3P SEP B 5 -2.18 5.66 3.75
N LEU B 6 -4.58 0.81 5.72
CA LEU B 6 -4.27 -0.46 6.36
C LEU B 6 -2.92 -0.30 7.08
N PRO B 7 -2.83 -0.61 8.39
CA PRO B 7 -1.54 -0.57 9.09
C PRO B 7 -0.67 -1.78 8.71
N THR B 8 0.58 -1.80 9.18
CA THR B 8 1.43 -2.94 8.96
C THR B 8 1.41 -4.00 10.09
C1 A1IKN C . -3.10 -5.31 1.84
C2 A1IKN C . -3.17 -6.39 2.84
C3 A1IKN C . -4.39 -6.92 3.21
C4 A1IKN C . -4.48 -7.94 4.12
C5 A1IKN C . -3.35 -8.31 4.83
C6 A1IKN C . -3.66 -10.72 5.64
C7 A1IKN C . -3.28 -11.50 4.46
C8 A1IKN C . -3.96 -12.69 4.21
C9 A1IKN C . -3.63 -13.44 3.10
C11 A1IKN C . -2.26 -11.14 3.58
C12 A1IKN C . -4.19 -10.28 7.66
C14 A1IKN C . -4.74 -9.10 9.66
C16 A1IKN C . -4.07 -7.83 7.72
C18 A1IKN C . -2.12 -7.80 4.48
C19 A1IKN C . -2.06 -6.85 3.50
N1 A1IKN C . -3.47 -9.37 5.79
C10 A1IKN C . -2.63 -12.99 2.28
N2 A1IKN C . -1.94 -11.86 2.49
N3 A1IKN C . -3.97 -11.32 6.77
C13 A1IKN C . -4.61 -10.30 8.99
C15 A1IKN C . -4.49 -7.87 9.03
C17 A1IKN C . -3.97 -9.04 7.05
BR1 A1IKN C . -0.37 -6.08 3.01
#